data_2WL8
#
_entry.id   2WL8
#
_cell.length_a   67.150
_cell.length_b   91.120
_cell.length_c   122.287
_cell.angle_alpha   90.00
_cell.angle_beta   90.00
_cell.angle_gamma   90.00
#
_symmetry.space_group_name_H-M   'P 21 21 21'
#
loop_
_entity.id
_entity.type
_entity.pdbx_description
1 polymer 'PEROXISOMAL BIOGENESIS FACTOR 19'
2 water water
#
_entity_poly.entity_id   1
_entity_poly.type   'polypeptide(L)'
_entity_poly.pdbx_seq_one_letter_code
;GAMGMDEGDGEGNILPIMQSIMQNLLSKDVLYPSLKEITEKYPEWLQSHRESLPPEQFEKYQEQHSVMCKICEQFEAETP
TDSETTQKARFEMVLDLMQQLQDLGHPPKELAGEMPPGLNFDLDAL
;
_entity_poly.pdbx_strand_id   A,B,C,D
#
# COMPACT_ATOMS: atom_id res chain seq x y z
N ILE A 14 11.37 -8.86 -13.12
CA ILE A 14 10.34 -8.41 -12.10
C ILE A 14 10.08 -6.91 -12.19
N LEU A 15 10.90 -6.24 -12.98
CA LEU A 15 10.79 -4.80 -13.13
C LEU A 15 9.44 -4.42 -13.76
N PRO A 16 8.99 -5.13 -14.83
CA PRO A 16 7.63 -4.93 -15.36
C PRO A 16 6.45 -5.14 -14.39
N ILE A 17 6.40 -6.22 -13.61
CA ILE A 17 5.22 -6.45 -12.74
C ILE A 17 5.21 -5.45 -11.59
N MET A 18 6.41 -5.09 -11.14
CA MET A 18 6.64 -4.03 -10.17
C MET A 18 6.04 -2.73 -10.69
N GLN A 19 6.36 -2.44 -11.94
CA GLN A 19 5.89 -1.26 -12.63
C GLN A 19 4.33 -1.22 -12.67
N SER A 20 3.69 -2.34 -13.04
CA SER A 20 2.24 -2.31 -13.17
C SER A 20 1.46 -2.26 -11.82
N ILE A 21 2.03 -2.87 -10.79
CA ILE A 21 1.55 -2.70 -9.42
C ILE A 21 1.59 -1.22 -9.02
N MET A 22 2.71 -0.56 -9.28
CA MET A 22 2.83 0.88 -8.99
C MET A 22 1.79 1.69 -9.74
N GLN A 23 1.61 1.40 -11.03
CA GLN A 23 0.62 2.11 -11.83
C GLN A 23 -0.83 1.94 -11.28
N ASN A 24 -1.16 0.73 -10.83
CA ASN A 24 -2.47 0.42 -10.24
C ASN A 24 -2.64 1.14 -8.91
N LEU A 25 -1.65 0.99 -8.03
CA LEU A 25 -1.74 1.52 -6.66
C LEU A 25 -1.78 3.05 -6.60
N LEU A 26 -1.01 3.68 -7.46
CA LEU A 26 -0.90 5.11 -7.47
C LEU A 26 -1.83 5.76 -8.49
N SER A 27 -2.81 5.00 -8.99
CA SER A 27 -3.81 5.55 -9.89
C SER A 27 -4.82 6.41 -9.10
N LYS A 28 -5.40 7.39 -9.79
CA LYS A 28 -6.46 8.19 -9.20
C LYS A 28 -7.60 7.32 -8.63
N ASP A 29 -8.02 6.31 -9.41
CA ASP A 29 -9.13 5.44 -9.01
C ASP A 29 -8.89 4.72 -7.67
N VAL A 30 -7.66 4.31 -7.43
CA VAL A 30 -7.32 3.58 -6.20
C VAL A 30 -7.00 4.52 -5.04
N LEU A 31 -6.12 5.49 -5.28
CA LEU A 31 -5.49 6.23 -4.20
C LEU A 31 -6.19 7.54 -3.82
N TYR A 32 -6.74 8.24 -4.82
CA TYR A 32 -7.28 9.58 -4.60
C TYR A 32 -8.30 9.74 -3.47
N PRO A 33 -9.34 8.87 -3.39
CA PRO A 33 -10.31 9.06 -2.28
C PRO A 33 -9.70 9.11 -0.88
N SER A 34 -8.87 8.12 -0.53
CA SER A 34 -8.21 8.07 0.78
C SER A 34 -7.28 9.23 0.99
N LEU A 35 -6.45 9.48 -0.01
CA LEU A 35 -5.44 10.52 0.07
C LEU A 35 -6.06 11.89 0.30
N LYS A 36 -7.04 12.24 -0.53
CA LYS A 36 -7.76 13.51 -0.41
C LYS A 36 -8.35 13.72 1.01
N GLU A 37 -8.94 12.66 1.55
CA GLU A 37 -9.55 12.68 2.88
C GLU A 37 -8.51 12.93 4.02
N ILE A 38 -7.37 12.25 3.99
CA ILE A 38 -6.32 12.47 4.99
C ILE A 38 -5.66 13.85 4.83
N THR A 39 -5.44 14.26 3.58
CA THR A 39 -4.84 15.56 3.28
C THR A 39 -5.65 16.67 3.94
N GLU A 40 -6.97 16.55 3.88
CA GLU A 40 -7.88 17.61 4.33
C GLU A 40 -8.01 17.69 5.84
N LYS A 41 -7.51 16.65 6.51
CA LYS A 41 -7.46 16.58 7.97
C LYS A 41 -6.23 17.28 8.57
N TYR A 42 -5.17 17.44 7.77
CA TYR A 42 -3.92 18.03 8.24
C TYR A 42 -4.03 19.49 8.75
N PRO A 43 -4.67 20.41 7.99
CA PRO A 43 -4.62 21.80 8.43
C PRO A 43 -5.17 22.07 9.86
N GLU A 44 -6.33 21.50 10.20
CA GLU A 44 -6.89 21.68 11.53
C GLU A 44 -6.10 20.92 12.63
N TRP A 45 -5.53 19.77 12.27
CA TRP A 45 -4.63 19.04 13.19
C TRP A 45 -3.35 19.85 13.46
N LEU A 46 -2.74 20.38 12.40
CA LEU A 46 -1.56 21.23 12.53
C LEU A 46 -1.80 22.46 13.40
N GLN A 47 -2.93 23.13 13.20
CA GLN A 47 -3.29 24.32 13.98
C GLN A 47 -3.40 24.04 15.48
N SER A 48 -4.02 22.92 15.83
CA SER A 48 -4.18 22.63 17.25
C SER A 48 -3.00 21.94 17.94
N HIS A 49 -1.97 21.55 17.18
CA HIS A 49 -0.79 20.87 17.74
C HIS A 49 0.51 21.67 17.62
N ARG A 50 0.45 22.81 16.94
CA ARG A 50 1.62 23.68 16.72
C ARG A 50 2.42 24.05 17.99
N GLU A 51 1.70 24.36 19.07
CA GLU A 51 2.31 24.80 20.35
C GLU A 51 3.08 23.71 21.08
N SER A 52 2.66 22.47 20.88
CA SER A 52 3.20 21.34 21.61
C SER A 52 4.25 20.54 20.85
N LEU A 53 4.50 20.90 19.60
CA LEU A 53 5.43 20.15 18.76
C LEU A 53 6.74 20.89 18.64
N PRO A 54 7.84 20.14 18.63
CA PRO A 54 9.11 20.70 18.18
C PRO A 54 9.00 21.24 16.75
N PRO A 55 9.45 22.45 16.52
CA PRO A 55 9.30 23.08 15.20
C PRO A 55 9.82 22.25 14.03
N GLU A 56 10.92 21.52 14.25
CA GLU A 56 11.47 20.60 13.25
C GLU A 56 10.47 19.49 12.86
N GLN A 57 9.78 18.92 13.84
CA GLN A 57 8.76 17.92 13.54
C GLN A 57 7.50 18.56 12.95
N PHE A 58 7.15 19.74 13.45
CA PHE A 58 6.03 20.50 12.90
C PHE A 58 6.24 20.79 11.41
N GLU A 59 7.48 21.14 11.03
CA GLU A 59 7.83 21.42 9.63
C GLU A 59 7.69 20.23 8.73
N LYS A 60 8.07 19.05 9.24
CA LYS A 60 7.92 17.79 8.51
C LYS A 60 6.45 17.47 8.20
N TYR A 61 5.58 17.75 9.17
CA TYR A 61 4.14 17.54 9.00
C TYR A 61 3.54 18.52 7.98
N GLN A 62 3.96 19.78 8.02
CA GLN A 62 3.51 20.74 7.03
C GLN A 62 3.98 20.28 5.64
N GLU A 63 5.21 19.81 5.56
CA GLU A 63 5.77 19.28 4.31
C GLU A 63 5.01 18.06 3.80
N GLN A 64 4.60 17.16 4.70
CA GLN A 64 3.75 16.05 4.29
C GLN A 64 2.46 16.57 3.64
N HIS A 65 1.79 17.53 4.32
CA HIS A 65 0.56 18.15 3.82
C HIS A 65 0.82 18.77 2.44
N SER A 66 1.94 19.47 2.29
CA SER A 66 2.27 20.10 0.99
C SER A 66 2.45 19.08 -0.13
N VAL A 67 3.22 18.02 0.14
CA VAL A 67 3.47 16.94 -0.84
C VAL A 67 2.13 16.28 -1.23
N MET A 68 1.28 15.99 -0.23
CA MET A 68 -0.02 15.36 -0.47
C MET A 68 -0.95 16.26 -1.29
N CYS A 69 -0.99 17.55 -0.99
CA CYS A 69 -1.73 18.51 -1.82
C CYS A 69 -1.28 18.46 -3.28
N LYS A 70 0.04 18.42 -3.53
CA LYS A 70 0.59 18.32 -4.90
C LYS A 70 0.10 17.05 -5.64
N ILE A 71 0.07 15.93 -4.93
CA ILE A 71 -0.47 14.73 -5.49
C ILE A 71 -1.98 14.87 -5.85
N CYS A 72 -2.79 15.39 -4.93
CA CYS A 72 -4.24 15.60 -5.20
C CYS A 72 -4.45 16.49 -6.41
N GLU A 73 -3.61 17.52 -6.53
CA GLU A 73 -3.66 18.45 -7.68
C GLU A 73 -3.34 17.76 -8.99
N GLN A 74 -2.36 16.85 -8.99
CA GLN A 74 -2.10 16.04 -10.19
C GLN A 74 -3.34 15.22 -10.56
N PHE A 75 -3.89 14.49 -9.59
CA PHE A 75 -5.12 13.69 -9.82
C PHE A 75 -6.29 14.55 -10.32
N GLU A 76 -6.51 15.69 -9.67
CA GLU A 76 -7.62 16.58 -10.05
C GLU A 76 -7.42 17.28 -11.41
N ALA A 77 -6.18 17.32 -11.92
CA ALA A 77 -5.91 17.87 -13.25
C ALA A 77 -6.13 16.87 -14.39
N GLU A 78 -6.24 15.58 -14.09
CA GLU A 78 -6.53 14.60 -15.14
C GLU A 78 -7.79 14.93 -15.95
N THR A 79 -7.71 14.71 -17.26
CA THR A 79 -8.86 14.88 -18.15
C THR A 79 -8.99 13.66 -19.07
N PRO A 80 -10.21 13.40 -19.60
CA PRO A 80 -10.36 12.20 -20.44
C PRO A 80 -9.60 12.32 -21.76
N THR A 81 -9.14 13.52 -22.07
CA THR A 81 -8.45 13.82 -23.31
C THR A 81 -6.92 14.00 -23.18
N ASP A 82 -6.34 13.50 -22.08
CA ASP A 82 -4.89 13.55 -21.86
C ASP A 82 -4.14 12.61 -22.79
N SER A 83 -3.05 13.08 -23.38
CA SER A 83 -2.25 12.22 -24.27
C SER A 83 -1.60 11.08 -23.49
N GLU A 84 -1.05 10.11 -24.20
CA GLU A 84 -0.30 9.02 -23.54
C GLU A 84 0.92 9.57 -22.82
N THR A 85 1.60 10.56 -23.39
CA THR A 85 2.81 11.08 -22.75
C THR A 85 2.50 11.91 -21.50
N THR A 86 1.40 12.68 -21.52
CA THR A 86 0.93 13.38 -20.33
C THR A 86 0.60 12.39 -19.20
N GLN A 87 -0.06 11.27 -19.54
CA GLN A 87 -0.44 10.28 -18.53
C GLN A 87 0.79 9.59 -17.91
N LYS A 88 1.79 9.28 -18.73
CA LYS A 88 3.04 8.69 -18.24
C LYS A 88 3.85 9.69 -17.40
N ALA A 89 3.94 10.93 -17.87
CA ALA A 89 4.60 11.98 -17.10
C ALA A 89 3.90 12.22 -15.77
N ARG A 90 2.57 12.21 -15.76
CA ARG A 90 1.84 12.47 -14.55
C ARG A 90 2.06 11.35 -13.55
N PHE A 91 2.09 10.10 -14.02
CA PHE A 91 2.37 8.97 -13.14
C PHE A 91 3.76 9.10 -12.50
N GLU A 92 4.75 9.49 -13.30
CA GLU A 92 6.12 9.65 -12.82
C GLU A 92 6.27 10.75 -11.76
N MET A 93 5.56 11.86 -11.96
CA MET A 93 5.42 12.92 -10.93
C MET A 93 4.81 12.45 -9.61
N VAL A 94 3.74 11.65 -9.71
CA VAL A 94 3.07 11.09 -8.55
C VAL A 94 3.97 10.11 -7.81
N LEU A 95 4.67 9.25 -8.58
CA LEU A 95 5.65 8.31 -8.02
C LEU A 95 6.75 9.08 -7.30
N ASP A 96 7.27 10.10 -7.98
CA ASP A 96 8.26 11.03 -7.45
C ASP A 96 7.81 11.70 -6.12
N LEU A 97 6.63 12.30 -6.14
CA LEU A 97 6.02 12.85 -4.93
C LEU A 97 5.78 11.84 -3.78
N MET A 98 5.35 10.63 -4.11
CA MET A 98 5.17 9.56 -3.13
C MET A 98 6.48 9.13 -2.45
N GLN A 99 7.58 9.07 -3.21
CA GLN A 99 8.92 8.88 -2.64
C GLN A 99 9.26 9.96 -1.63
N GLN A 100 9.03 11.21 -2.00
CA GLN A 100 9.26 12.32 -1.10
C GLN A 100 8.38 12.19 0.18
N LEU A 101 7.11 11.79 0.01
CA LEU A 101 6.23 11.51 1.15
C LEU A 101 6.83 10.44 2.08
N GLN A 102 7.34 9.34 1.51
CA GLN A 102 8.00 8.32 2.31
C GLN A 102 9.22 8.88 3.07
N ASP A 103 10.03 9.74 2.40
CA ASP A 103 11.25 10.34 2.99
C ASP A 103 10.94 11.34 4.13
N LEU A 104 9.68 11.75 4.22
CA LEU A 104 9.21 12.58 5.33
C LEU A 104 8.82 11.82 6.61
N GLY A 105 8.85 10.48 6.55
CA GLY A 105 8.68 9.61 7.73
C GLY A 105 7.23 9.52 8.21
N HIS A 106 7.04 9.13 9.47
CA HIS A 106 5.69 8.88 10.00
C HIS A 106 4.79 10.12 9.95
N PRO A 107 3.51 9.92 9.62
CA PRO A 107 2.53 11.00 9.80
C PRO A 107 2.18 11.24 11.30
N PRO A 108 1.40 12.29 11.60
CA PRO A 108 0.94 12.38 12.99
C PRO A 108 0.24 11.09 13.44
N LYS A 109 0.51 10.64 14.66
CA LYS A 109 -0.14 9.43 15.21
C LYS A 109 -1.64 9.41 14.97
N GLU A 110 -2.31 10.52 15.29
CA GLU A 110 -3.77 10.65 15.17
C GLU A 110 -4.28 10.50 13.72
N LEU A 111 -3.41 10.74 12.75
CA LEU A 111 -3.80 10.65 11.35
C LEU A 111 -3.17 9.46 10.62
N ALA A 112 -2.30 8.71 11.29
CA ALA A 112 -1.56 7.63 10.63
C ALA A 112 -2.44 6.43 10.32
N GLY A 113 -2.01 5.62 9.36
CA GLY A 113 -2.63 4.30 9.12
C GLY A 113 -3.87 4.31 8.22
N GLU A 114 -4.15 5.44 7.56
CA GLU A 114 -5.39 5.53 6.79
C GLU A 114 -5.14 5.47 5.26
N MET A 115 -3.88 5.25 4.87
CA MET A 115 -3.51 5.07 3.46
C MET A 115 -3.67 3.61 3.06
N PRO A 116 -3.78 3.35 1.75
CA PRO A 116 -3.77 1.94 1.30
C PRO A 116 -2.52 1.17 1.76
N PRO A 117 -2.64 -0.17 1.93
CA PRO A 117 -1.45 -0.98 2.27
C PRO A 117 -0.26 -0.65 1.33
N GLY A 118 0.95 -0.65 1.90
CA GLY A 118 2.14 -0.19 1.19
C GLY A 118 2.44 1.30 1.36
N LEU A 119 1.42 2.11 1.69
CA LEU A 119 1.56 3.58 1.67
C LEU A 119 1.42 4.21 3.06
N ASN A 120 1.55 3.37 4.07
CA ASN A 120 1.55 3.84 5.48
C ASN A 120 3.00 3.82 6.00
N PHE A 121 3.59 5.00 6.10
CA PHE A 121 5.04 5.10 6.32
C PHE A 121 5.32 5.25 7.79
N ASP A 122 5.85 4.19 8.38
CA ASP A 122 6.07 4.21 9.80
C ASP A 122 7.56 4.14 9.99
N LEU A 123 8.22 5.24 9.62
CA LEU A 123 9.65 5.41 9.78
C LEU A 123 9.91 6.91 9.87
N ILE B 14 -30.50 -18.46 37.20
CA ILE B 14 -31.36 -17.52 36.40
C ILE B 14 -31.44 -17.72 34.87
N LEU B 15 -30.36 -18.12 34.19
CA LEU B 15 -30.43 -18.32 32.71
C LEU B 15 -29.85 -19.65 32.18
N PRO B 16 -30.62 -20.39 31.30
CA PRO B 16 -30.05 -21.65 30.82
C PRO B 16 -28.98 -21.47 29.74
N ILE B 17 -28.10 -22.46 29.60
CA ILE B 17 -27.01 -22.33 28.64
C ILE B 17 -27.51 -22.07 27.22
N MET B 18 -28.63 -22.67 26.81
CA MET B 18 -29.25 -22.33 25.50
C MET B 18 -29.49 -20.83 25.32
N GLN B 19 -29.86 -20.16 26.41
CA GLN B 19 -30.07 -18.71 26.39
C GLN B 19 -28.79 -17.91 26.66
N SER B 20 -28.08 -18.30 27.73
CA SER B 20 -26.95 -17.55 28.23
C SER B 20 -25.77 -17.55 27.24
N ILE B 21 -25.59 -18.66 26.54
CA ILE B 21 -24.56 -18.76 25.48
C ILE B 21 -24.77 -17.75 24.31
N MET B 22 -25.98 -17.72 23.75
CA MET B 22 -26.37 -16.71 22.78
C MET B 22 -26.16 -15.27 23.26
N GLN B 23 -26.61 -14.98 24.48
CA GLN B 23 -26.43 -13.67 25.09
C GLN B 23 -24.94 -13.31 25.28
N ASN B 24 -24.13 -14.27 25.74
CA ASN B 24 -22.67 -14.06 25.89
C ASN B 24 -22.00 -13.81 24.54
N LEU B 25 -22.38 -14.58 23.52
CA LEU B 25 -21.75 -14.51 22.21
C LEU B 25 -21.97 -13.14 21.57
N LEU B 26 -23.10 -12.51 21.91
CA LEU B 26 -23.46 -11.21 21.37
C LEU B 26 -23.28 -10.08 22.38
N SER B 27 -22.57 -10.34 23.48
CA SER B 27 -22.37 -9.32 24.51
C SER B 27 -21.30 -8.29 24.07
N LYS B 28 -21.31 -7.12 24.72
CA LYS B 28 -20.29 -6.08 24.48
C LYS B 28 -18.88 -6.63 24.79
N ASP B 29 -18.71 -7.32 25.93
CA ASP B 29 -17.38 -7.84 26.33
C ASP B 29 -16.77 -8.78 25.29
N VAL B 30 -17.63 -9.60 24.68
CA VAL B 30 -17.19 -10.60 23.71
C VAL B 30 -17.17 -10.08 22.29
N LEU B 31 -18.23 -9.37 21.90
CA LEU B 31 -18.37 -9.02 20.51
C LEU B 31 -17.77 -7.64 20.14
N TYR B 32 -18.01 -6.63 20.98
CA TYR B 32 -17.66 -5.24 20.61
C TYR B 32 -16.19 -4.95 20.20
N PRO B 33 -15.18 -5.41 20.99
CA PRO B 33 -13.80 -5.09 20.57
C PRO B 33 -13.46 -5.51 19.14
N SER B 34 -13.80 -6.74 18.76
CA SER B 34 -13.60 -7.22 17.38
C SER B 34 -14.46 -6.49 16.37
N LEU B 35 -15.75 -6.35 16.66
CA LEU B 35 -16.63 -5.67 15.74
C LEU B 35 -16.15 -4.25 15.45
N LYS B 36 -15.76 -3.54 16.49
CA LYS B 36 -15.31 -2.15 16.37
C LYS B 36 -14.09 -2.04 15.45
N GLU B 37 -13.08 -2.91 15.65
CA GLU B 37 -11.90 -2.93 14.77
C GLU B 37 -12.28 -3.11 13.31
N ILE B 38 -13.17 -4.08 13.04
CA ILE B 38 -13.56 -4.45 11.68
C ILE B 38 -14.36 -3.34 11.05
N THR B 39 -15.32 -2.81 11.82
CA THR B 39 -16.13 -1.68 11.42
C THR B 39 -15.25 -0.50 11.01
N GLU B 40 -14.25 -0.17 11.81
CA GLU B 40 -13.43 0.94 11.42
C GLU B 40 -12.33 0.66 10.36
N LYS B 41 -12.17 -0.60 9.96
CA LYS B 41 -11.38 -0.95 8.76
C LYS B 41 -12.14 -0.66 7.44
N TYR B 42 -13.49 -0.70 7.49
CA TYR B 42 -14.30 -0.64 6.28
C TYR B 42 -14.10 0.67 5.46
N PRO B 43 -14.17 1.86 6.11
CA PRO B 43 -14.11 3.06 5.24
C PRO B 43 -12.87 3.16 4.28
N GLU B 44 -11.65 2.99 4.77
CA GLU B 44 -10.49 3.02 3.86
C GLU B 44 -10.51 1.86 2.86
N TRP B 45 -10.96 0.68 3.31
CA TRP B 45 -11.02 -0.50 2.42
C TRP B 45 -12.00 -0.22 1.26
N LEU B 46 -13.20 0.28 1.58
CA LEU B 46 -14.19 0.66 0.58
C LEU B 46 -13.70 1.70 -0.42
N GLN B 47 -12.99 2.73 0.07
CA GLN B 47 -12.40 3.77 -0.80
C GLN B 47 -11.43 3.19 -1.80
N SER B 48 -10.51 2.34 -1.32
CA SER B 48 -9.44 1.87 -2.17
C SER B 48 -9.87 0.66 -3.05
N HIS B 49 -11.11 0.17 -2.87
CA HIS B 49 -11.62 -0.96 -3.66
C HIS B 49 -12.85 -0.65 -4.53
N ARG B 50 -13.44 0.54 -4.37
CA ARG B 50 -14.66 0.90 -5.10
C ARG B 50 -14.55 0.66 -6.62
N GLU B 51 -13.45 1.07 -7.22
CA GLU B 51 -13.33 1.01 -8.66
C GLU B 51 -13.05 -0.39 -9.20
N SER B 52 -12.57 -1.29 -8.36
CA SER B 52 -12.30 -2.66 -8.78
C SER B 52 -13.47 -3.63 -8.55
N LEU B 53 -14.40 -3.25 -7.68
CA LEU B 53 -15.53 -4.09 -7.33
C LEU B 53 -16.70 -3.90 -8.29
N PRO B 54 -17.38 -4.99 -8.61
CA PRO B 54 -18.75 -4.92 -9.12
C PRO B 54 -19.63 -4.07 -8.22
N PRO B 55 -20.36 -3.16 -8.85
CA PRO B 55 -21.17 -2.14 -8.18
C PRO B 55 -22.17 -2.70 -7.16
N GLU B 56 -22.92 -3.72 -7.57
CA GLU B 56 -23.84 -4.39 -6.66
C GLU B 56 -23.13 -4.96 -5.42
N GLN B 57 -21.93 -5.54 -5.61
CA GLN B 57 -21.14 -6.06 -4.48
C GLN B 57 -20.60 -4.92 -3.59
N PHE B 58 -20.11 -3.84 -4.21
CA PHE B 58 -19.69 -2.65 -3.47
C PHE B 58 -20.81 -2.06 -2.60
N GLU B 59 -22.02 -1.93 -3.14
CA GLU B 59 -23.18 -1.46 -2.36
C GLU B 59 -23.52 -2.34 -1.15
N LYS B 60 -23.51 -3.67 -1.33
CA LYS B 60 -23.68 -4.60 -0.19
C LYS B 60 -22.65 -4.36 0.90
N TYR B 61 -21.38 -4.20 0.53
CA TYR B 61 -20.33 -3.88 1.51
C TYR B 61 -20.52 -2.53 2.23
N GLN B 62 -20.96 -1.50 1.49
CA GLN B 62 -21.32 -0.22 2.10
C GLN B 62 -22.43 -0.38 3.12
N GLU B 63 -23.48 -1.13 2.74
CA GLU B 63 -24.60 -1.43 3.66
C GLU B 63 -24.16 -2.26 4.87
N GLN B 64 -23.20 -3.19 4.70
CA GLN B 64 -22.65 -3.93 5.85
C GLN B 64 -21.99 -3.00 6.86
N HIS B 65 -21.16 -2.06 6.36
CA HIS B 65 -20.48 -1.11 7.24
C HIS B 65 -21.54 -0.27 7.99
N SER B 66 -22.54 0.19 7.25
CA SER B 66 -23.66 0.93 7.87
C SER B 66 -24.34 0.19 9.05
N VAL B 67 -24.66 -1.09 8.86
CA VAL B 67 -25.25 -1.94 9.90
C VAL B 67 -24.34 -2.13 11.11
N MET B 68 -23.07 -2.42 10.84
CA MET B 68 -22.08 -2.55 11.89
C MET B 68 -21.91 -1.26 12.71
N CYS B 69 -21.99 -0.11 12.05
CA CYS B 69 -21.94 1.17 12.76
C CYS B 69 -23.10 1.27 13.78
N LYS B 70 -24.28 0.83 13.36
CA LYS B 70 -25.45 0.82 14.24
C LYS B 70 -25.28 -0.12 15.43
N ILE B 71 -24.68 -1.29 15.21
CA ILE B 71 -24.40 -2.20 16.32
C ILE B 71 -23.38 -1.57 17.30
N CYS B 72 -22.26 -1.04 16.78
CA CYS B 72 -21.25 -0.35 17.59
C CYS B 72 -21.85 0.76 18.44
N GLU B 73 -22.74 1.56 17.83
CA GLU B 73 -23.42 2.64 18.56
C GLU B 73 -24.26 2.16 19.77
N GLN B 74 -24.98 1.04 19.58
CA GLN B 74 -25.72 0.39 20.67
C GLN B 74 -24.78 -0.05 21.83
N PHE B 75 -23.71 -0.76 21.48
CA PHE B 75 -22.71 -1.19 22.49
C PHE B 75 -22.08 0.03 23.22
N GLU B 76 -21.82 1.08 22.45
CA GLU B 76 -21.28 2.33 23.02
C GLU B 76 -22.24 3.07 23.95
N ALA B 77 -23.54 2.89 23.76
CA ALA B 77 -24.56 3.50 24.62
C ALA B 77 -24.78 2.72 25.94
N GLU B 78 -24.43 1.44 25.90
CA GLU B 78 -24.57 0.53 27.02
C GLU B 78 -23.71 0.98 28.21
N THR B 79 -24.26 0.88 29.42
CA THR B 79 -23.53 1.20 30.64
C THR B 79 -23.60 0.00 31.60
N PRO B 80 -22.67 -0.07 32.58
CA PRO B 80 -22.70 -1.16 33.59
C PRO B 80 -23.95 -1.21 34.47
N THR B 81 -24.58 -0.06 34.72
CA THR B 81 -25.78 0.04 35.57
C THR B 81 -27.11 -0.08 34.81
N ASP B 82 -27.06 -0.49 33.54
CA ASP B 82 -28.27 -0.65 32.73
C ASP B 82 -29.22 -1.66 33.39
N SER B 83 -30.52 -1.38 33.34
CA SER B 83 -31.51 -2.30 33.92
C SER B 83 -31.67 -3.55 33.07
N GLU B 84 -32.38 -4.54 33.63
CA GLU B 84 -32.67 -5.77 32.91
C GLU B 84 -33.53 -5.52 31.67
N THR B 85 -34.50 -4.64 31.82
CA THR B 85 -35.37 -4.21 30.70
C THR B 85 -34.54 -3.57 29.53
N THR B 86 -33.58 -2.73 29.87
CA THR B 86 -32.74 -2.07 28.86
C THR B 86 -31.82 -3.08 28.19
N GLN B 87 -31.23 -3.97 28.99
CA GLN B 87 -30.30 -4.98 28.50
C GLN B 87 -30.99 -5.92 27.51
N LYS B 88 -32.24 -6.28 27.81
CA LYS B 88 -33.02 -7.17 26.93
C LYS B 88 -33.40 -6.51 25.62
N ALA B 89 -33.89 -5.28 25.69
CA ALA B 89 -34.18 -4.51 24.50
C ALA B 89 -32.93 -4.30 23.64
N ARG B 90 -31.79 -4.00 24.28
CA ARG B 90 -30.57 -3.80 23.53
C ARG B 90 -30.15 -5.08 22.84
N PHE B 91 -30.24 -6.22 23.55
CA PHE B 91 -29.97 -7.51 22.95
C PHE B 91 -30.90 -7.77 21.72
N GLU B 92 -32.20 -7.53 21.86
CA GLU B 92 -33.15 -7.67 20.72
C GLU B 92 -32.76 -6.79 19.49
N MET B 93 -32.43 -5.52 19.76
CA MET B 93 -32.01 -4.55 18.74
C MET B 93 -30.75 -5.08 18.01
N VAL B 94 -29.76 -5.53 18.77
CA VAL B 94 -28.50 -6.06 18.23
C VAL B 94 -28.68 -7.36 17.42
N LEU B 95 -29.49 -8.29 17.92
CA LEU B 95 -29.80 -9.53 17.19
C LEU B 95 -30.44 -9.22 15.84
N ASP B 96 -31.39 -8.29 15.84
CA ASP B 96 -32.05 -7.86 14.62
C ASP B 96 -31.05 -7.28 13.58
N LEU B 97 -30.16 -6.40 14.06
CA LEU B 97 -29.12 -5.84 13.21
C LEU B 97 -28.15 -6.91 12.71
N MET B 98 -27.81 -7.90 13.54
CA MET B 98 -26.96 -9.02 13.11
C MET B 98 -27.65 -9.86 12.03
N GLN B 99 -28.98 -9.98 12.08
CA GLN B 99 -29.74 -10.70 11.05
C GLN B 99 -29.75 -9.88 9.76
N GLN B 100 -29.86 -8.55 9.87
CA GLN B 100 -29.67 -7.69 8.69
C GLN B 100 -28.26 -7.81 8.07
N LEU B 101 -27.24 -7.93 8.92
CA LEU B 101 -25.86 -8.08 8.47
C LEU B 101 -25.72 -9.37 7.66
N GLN B 102 -26.15 -10.48 8.26
CA GLN B 102 -26.21 -11.79 7.59
C GLN B 102 -26.95 -11.76 6.22
N ASP B 103 -28.07 -11.05 6.15
CA ASP B 103 -28.84 -10.88 4.89
C ASP B 103 -28.08 -10.19 3.73
N LEU B 104 -26.98 -9.50 4.06
CA LEU B 104 -26.15 -8.80 3.07
C LEU B 104 -25.04 -9.67 2.46
N GLY B 105 -25.08 -10.98 2.73
CA GLY B 105 -24.13 -11.93 2.14
C GLY B 105 -22.76 -11.84 2.80
N HIS B 106 -21.79 -12.50 2.18
CA HIS B 106 -20.41 -12.53 2.68
C HIS B 106 -19.78 -11.16 2.89
N PRO B 107 -18.91 -11.04 3.92
CA PRO B 107 -18.19 -9.77 4.06
C PRO B 107 -17.06 -9.73 2.99
N PRO B 108 -16.33 -8.60 2.87
CA PRO B 108 -15.15 -8.63 1.99
C PRO B 108 -14.25 -9.83 2.30
N LYS B 109 -13.64 -10.40 1.26
CA LYS B 109 -12.72 -11.50 1.47
C LYS B 109 -11.59 -11.16 2.46
N GLU B 110 -11.10 -9.92 2.42
CA GLU B 110 -10.13 -9.36 3.37
C GLU B 110 -10.55 -9.49 4.85
N LEU B 111 -11.84 -9.30 5.11
CA LEU B 111 -12.38 -9.21 6.47
C LEU B 111 -12.97 -10.50 7.03
N ALA B 112 -13.23 -11.47 6.15
CA ALA B 112 -13.97 -12.66 6.49
C ALA B 112 -13.42 -13.46 7.66
N GLY B 113 -12.11 -13.61 7.71
CA GLY B 113 -11.51 -14.62 8.57
C GLY B 113 -11.04 -14.10 9.91
N GLU B 114 -11.33 -12.84 10.18
CA GLU B 114 -11.17 -12.29 11.53
C GLU B 114 -12.52 -12.11 12.24
N MET B 115 -13.60 -12.38 11.52
CA MET B 115 -14.94 -12.16 12.03
C MET B 115 -15.15 -12.87 13.36
N PRO B 116 -15.75 -12.18 14.33
CA PRO B 116 -16.03 -12.83 15.63
C PRO B 116 -17.14 -13.89 15.49
N PRO B 117 -17.18 -14.86 16.45
CA PRO B 117 -18.16 -15.95 16.40
C PRO B 117 -19.62 -15.48 16.31
N ILE C 14 16.65 3.76 3.31
CA ILE C 14 17.44 2.63 2.71
C ILE C 14 16.74 1.89 1.55
N LEU C 15 15.42 1.67 1.64
CA LEU C 15 14.68 1.11 0.51
C LEU C 15 13.84 2.16 -0.21
N PRO C 16 13.92 2.23 -1.55
CA PRO C 16 13.09 3.20 -2.27
C PRO C 16 11.64 2.68 -2.33
N ILE C 17 10.70 3.55 -2.70
CA ILE C 17 9.27 3.24 -2.66
C ILE C 17 8.81 2.02 -3.52
N MET C 18 9.30 1.90 -4.76
CA MET C 18 8.93 0.76 -5.63
C MET C 18 9.29 -0.56 -4.97
N GLN C 19 10.45 -0.62 -4.31
CA GLN C 19 10.79 -1.87 -3.60
C GLN C 19 10.03 -2.09 -2.29
N SER C 20 9.90 -1.07 -1.47
CA SER C 20 9.25 -1.25 -0.18
C SER C 20 7.75 -1.57 -0.35
N ILE C 21 7.11 -1.01 -1.39
CA ILE C 21 5.71 -1.35 -1.66
C ILE C 21 5.57 -2.82 -2.06
N MET C 22 6.47 -3.35 -2.89
CA MET C 22 6.39 -4.75 -3.30
C MET C 22 6.55 -5.66 -2.09
N GLN C 23 7.52 -5.33 -1.24
CA GLN C 23 7.74 -6.11 -0.03
C GLN C 23 6.55 -6.11 0.91
N ASN C 24 5.92 -4.96 1.08
CA ASN C 24 4.73 -4.86 1.93
C ASN C 24 3.47 -5.52 1.38
N LEU C 25 3.15 -5.21 0.13
CA LEU C 25 2.00 -5.82 -0.58
C LEU C 25 2.02 -7.36 -0.69
N LEU C 26 3.21 -7.95 -0.82
CA LEU C 26 3.31 -9.41 -0.96
C LEU C 26 3.68 -10.09 0.37
N SER C 27 3.63 -9.34 1.45
CA SER C 27 3.94 -9.94 2.75
C SER C 27 2.69 -10.70 3.23
N LYS C 28 2.91 -11.64 4.12
CA LYS C 28 1.85 -12.47 4.66
C LYS C 28 0.78 -11.58 5.31
N ASP C 29 1.23 -10.60 6.10
CA ASP C 29 0.31 -9.76 6.88
C ASP C 29 -0.68 -9.03 5.97
N VAL C 30 -0.23 -8.64 4.79
CA VAL C 30 -1.10 -7.87 3.88
C VAL C 30 -1.93 -8.76 2.92
N LEU C 31 -1.26 -9.68 2.24
CA LEU C 31 -1.85 -10.44 1.14
C LEU C 31 -2.64 -11.68 1.61
N TYR C 32 -2.16 -12.34 2.67
CA TYR C 32 -2.73 -13.65 3.07
C TYR C 32 -4.24 -13.67 3.40
N PRO C 33 -4.75 -12.68 4.19
CA PRO C 33 -6.17 -12.72 4.57
C PRO C 33 -7.13 -12.87 3.38
N SER C 34 -7.07 -11.97 2.39
CA SER C 34 -8.00 -12.04 1.25
C SER C 34 -7.69 -13.24 0.35
N LEU C 35 -6.41 -13.52 0.13
CA LEU C 35 -6.00 -14.62 -0.73
C LEU C 35 -6.49 -15.94 -0.23
N LYS C 36 -6.31 -16.20 1.07
CA LYS C 36 -6.75 -17.45 1.72
C LYS C 36 -8.28 -17.63 1.65
N GLU C 37 -9.04 -16.55 1.87
CA GLU C 37 -10.49 -16.59 1.69
C GLU C 37 -10.94 -16.83 0.24
N ILE C 38 -10.34 -16.12 -0.72
CA ILE C 38 -10.61 -16.39 -2.14
C ILE C 38 -10.36 -17.88 -2.45
N THR C 39 -9.23 -18.45 -2.03
CA THR C 39 -8.91 -19.85 -2.40
C THR C 39 -9.85 -20.81 -1.71
N GLU C 40 -10.24 -20.45 -0.50
CA GLU C 40 -11.17 -21.21 0.31
C GLU C 40 -12.51 -21.35 -0.42
N LYS C 41 -12.95 -20.27 -1.07
CA LYS C 41 -14.28 -20.23 -1.68
C LYS C 41 -14.29 -20.65 -3.15
N TYR C 42 -13.11 -20.79 -3.74
CA TYR C 42 -12.97 -21.06 -5.17
C TYR C 42 -13.53 -22.44 -5.65
N PRO C 43 -13.27 -23.53 -4.91
CA PRO C 43 -13.84 -24.85 -5.31
C PRO C 43 -15.37 -24.82 -5.47
N GLU C 44 -16.06 -24.26 -4.48
CA GLU C 44 -17.52 -24.08 -4.53
C GLU C 44 -17.94 -23.28 -5.76
N TRP C 45 -17.24 -22.17 -6.03
CA TRP C 45 -17.51 -21.34 -7.21
C TRP C 45 -17.34 -22.14 -8.50
N LEU C 46 -16.26 -22.92 -8.57
CA LEU C 46 -15.92 -23.67 -9.79
C LEU C 46 -16.99 -24.71 -10.09
N GLN C 47 -17.39 -25.43 -9.03
CA GLN C 47 -18.45 -26.44 -9.07
C GLN C 47 -19.76 -25.93 -9.67
N SER C 48 -20.19 -24.75 -9.24
CA SER C 48 -21.50 -24.21 -9.60
C SER C 48 -21.51 -23.37 -10.88
N HIS C 49 -20.33 -23.09 -11.42
CA HIS C 49 -20.22 -22.25 -12.61
C HIS C 49 -19.68 -22.99 -13.83
N ARG C 50 -19.07 -24.15 -13.59
CA ARG C 50 -18.51 -25.02 -14.63
C ARG C 50 -19.35 -25.10 -15.93
N GLU C 51 -20.66 -25.27 -15.79
CA GLU C 51 -21.52 -25.51 -16.96
C GLU C 51 -21.85 -24.26 -17.79
N SER C 52 -21.47 -23.09 -17.28
CA SER C 52 -21.79 -21.82 -17.94
C SER C 52 -20.56 -21.08 -18.50
N LEU C 53 -19.37 -21.69 -18.38
CA LEU C 53 -18.11 -21.07 -18.83
C LEU C 53 -17.47 -21.73 -20.07
N PRO C 54 -16.87 -20.90 -20.95
CA PRO C 54 -16.06 -21.49 -22.03
C PRO C 54 -15.00 -22.38 -21.39
N PRO C 55 -14.86 -23.64 -21.86
CA PRO C 55 -13.82 -24.55 -21.34
C PRO C 55 -12.44 -23.89 -21.12
N GLU C 56 -11.98 -23.14 -22.11
CA GLU C 56 -10.78 -22.27 -22.05
C GLU C 56 -10.74 -21.42 -20.77
N GLN C 57 -11.87 -20.76 -20.49
CA GLN C 57 -11.97 -19.87 -19.34
C GLN C 57 -11.94 -20.62 -18.04
N PHE C 58 -12.70 -21.71 -17.99
CA PHE C 58 -12.78 -22.55 -16.82
C PHE C 58 -11.37 -23.02 -16.43
N GLU C 59 -10.59 -23.43 -17.41
CA GLU C 59 -9.23 -23.90 -17.19
C GLU C 59 -8.32 -22.77 -16.66
N LYS C 60 -8.47 -21.55 -17.17
CA LYS C 60 -7.74 -20.41 -16.62
C LYS C 60 -8.02 -20.19 -15.15
N TYR C 61 -9.30 -20.23 -14.77
CA TYR C 61 -9.72 -20.09 -13.37
C TYR C 61 -9.21 -21.20 -12.45
N GLN C 62 -9.24 -22.45 -12.94
CA GLN C 62 -8.65 -23.59 -12.21
C GLN C 62 -7.18 -23.35 -11.94
N GLU C 63 -6.48 -22.83 -12.93
CA GLU C 63 -5.07 -22.51 -12.80
C GLU C 63 -4.82 -21.33 -11.83
N GLN C 64 -5.69 -20.32 -11.84
CA GLN C 64 -5.60 -19.25 -10.84
C GLN C 64 -5.69 -19.82 -9.44
N HIS C 65 -6.66 -20.70 -9.22
CA HIS C 65 -6.82 -21.34 -7.93
C HIS C 65 -5.55 -22.10 -7.49
N SER C 66 -4.98 -22.87 -8.42
CA SER C 66 -3.75 -23.59 -8.19
C SER C 66 -2.57 -22.68 -7.78
N VAL C 67 -2.37 -21.59 -8.52
CA VAL C 67 -1.32 -20.61 -8.22
C VAL C 67 -1.53 -20.02 -6.83
N MET C 68 -2.78 -19.61 -6.55
CA MET C 68 -3.12 -19.01 -5.27
C MET C 68 -2.94 -20.00 -4.10
N CYS C 69 -3.32 -21.26 -4.31
CA CYS C 69 -2.98 -22.34 -3.36
C CYS C 69 -1.49 -22.39 -3.04
N LYS C 70 -0.65 -22.29 -4.05
CA LYS C 70 0.81 -22.36 -3.85
C LYS C 70 1.29 -21.18 -3.01
N ILE C 71 0.72 -20.01 -3.27
CA ILE C 71 1.04 -18.84 -2.47
C ILE C 71 0.66 -19.02 -1.00
N CYS C 72 -0.58 -19.43 -0.73
CA CYS C 72 -1.05 -19.65 0.63
C CYS C 72 -0.17 -20.71 1.33
N GLU C 73 0.21 -21.77 0.60
CA GLU C 73 1.07 -22.82 1.17
C GLU C 73 2.42 -22.25 1.64
N GLN C 74 3.02 -21.36 0.82
CA GLN C 74 4.25 -20.65 1.20
C GLN C 74 4.05 -19.81 2.48
N PHE C 75 2.97 -19.02 2.52
CA PHE C 75 2.69 -18.17 3.68
C PHE C 75 2.43 -19.02 4.93
N GLU C 76 1.74 -20.14 4.76
CA GLU C 76 1.45 -21.03 5.90
C GLU C 76 2.72 -21.67 6.47
N ALA C 77 3.76 -21.81 5.63
CA ALA C 77 5.03 -22.41 6.07
C ALA C 77 5.96 -21.43 6.81
N GLU C 78 5.64 -20.14 6.73
CA GLU C 78 6.33 -19.07 7.49
C GLU C 78 6.34 -19.29 9.00
N THR C 79 7.39 -18.79 9.64
CA THR C 79 7.69 -19.03 11.03
C THR C 79 8.20 -17.68 11.54
N PRO C 80 8.05 -17.40 12.87
CA PRO C 80 8.51 -16.08 13.32
C PRO C 80 10.05 -15.98 13.28
N THR C 81 10.71 -17.11 13.49
CA THR C 81 12.17 -17.17 13.56
C THR C 81 12.87 -17.44 12.22
N ASP C 82 12.14 -17.35 11.11
CA ASP C 82 12.73 -17.56 9.77
C ASP C 82 13.96 -16.66 9.57
N SER C 83 15.02 -17.22 9.02
CA SER C 83 16.23 -16.46 8.69
C SER C 83 15.96 -15.45 7.56
N GLU C 84 16.91 -14.51 7.38
CA GLU C 84 16.83 -13.49 6.32
C GLU C 84 16.81 -14.15 4.94
N THR C 85 17.65 -15.15 4.75
CA THR C 85 17.74 -15.87 3.47
C THR C 85 16.42 -16.61 3.14
N THR C 86 15.83 -17.26 4.14
CA THR C 86 14.52 -17.89 3.99
C THR C 86 13.45 -16.86 3.66
N GLN C 87 13.42 -15.73 4.36
CA GLN C 87 12.43 -14.69 4.09
C GLN C 87 12.59 -14.14 2.66
N LYS C 88 13.84 -13.91 2.25
CA LYS C 88 14.16 -13.44 0.90
C LYS C 88 13.74 -14.45 -0.18
N ALA C 89 14.07 -15.72 0.02
CA ALA C 89 13.70 -16.79 -0.91
C ALA C 89 12.19 -16.88 -1.06
N ARG C 90 11.48 -16.78 0.07
CA ARG C 90 10.04 -16.89 0.09
C ARG C 90 9.39 -15.74 -0.69
N PHE C 91 9.83 -14.51 -0.41
CA PHE C 91 9.37 -13.35 -1.17
C PHE C 91 9.53 -13.56 -2.69
N GLU C 92 10.72 -13.98 -3.14
CA GLU C 92 10.98 -14.25 -4.58
C GLU C 92 10.02 -15.32 -5.18
N MET C 93 9.76 -16.41 -4.46
CA MET C 93 8.78 -17.43 -4.89
C MET C 93 7.36 -16.86 -4.98
N VAL C 94 6.96 -16.06 -4.00
CA VAL C 94 5.64 -15.43 -3.97
C VAL C 94 5.50 -14.45 -5.13
N LEU C 95 6.56 -13.69 -5.40
CA LEU C 95 6.61 -12.72 -6.49
C LEU C 95 6.44 -13.44 -7.83
N ASP C 96 7.18 -14.52 -8.01
CA ASP C 96 7.08 -15.33 -9.22
C ASP C 96 5.66 -15.87 -9.44
N LEU C 97 5.05 -16.39 -8.36
CA LEU C 97 3.67 -16.85 -8.39
C LEU C 97 2.67 -15.72 -8.69
N MET C 98 2.90 -14.53 -8.14
CA MET C 98 2.10 -13.36 -8.48
C MET C 98 2.18 -12.94 -9.95
N GLN C 99 3.36 -13.02 -10.56
CA GLN C 99 3.54 -12.82 -12.02
C GLN C 99 2.68 -13.86 -12.78
N GLN C 100 2.76 -15.14 -12.41
CA GLN C 100 1.85 -16.17 -12.97
C GLN C 100 0.37 -15.85 -12.80
N LEU C 101 0.00 -15.38 -11.63
CA LEU C 101 -1.38 -14.97 -11.40
C LEU C 101 -1.81 -13.85 -12.35
N GLN C 102 -1.00 -12.81 -12.46
CA GLN C 102 -1.31 -11.70 -13.36
C GLN C 102 -1.46 -12.18 -14.81
N ASP C 103 -0.63 -13.14 -15.21
CA ASP C 103 -0.67 -13.72 -16.54
C ASP C 103 -1.98 -14.46 -16.84
N LEU C 104 -2.69 -14.90 -15.81
CA LEU C 104 -3.98 -15.60 -16.02
C LEU C 104 -5.18 -14.68 -16.17
N GLY C 105 -4.94 -13.38 -16.09
CA GLY C 105 -5.99 -12.39 -16.35
C GLY C 105 -6.94 -12.22 -15.17
N HIS C 106 -8.11 -11.66 -15.48
CA HIS C 106 -9.15 -11.41 -14.49
C HIS C 106 -9.62 -12.68 -13.77
N PRO C 107 -9.88 -12.57 -12.46
CA PRO C 107 -10.59 -13.58 -11.68
C PRO C 107 -12.06 -13.57 -12.08
N PRO C 108 -12.85 -14.56 -11.62
CA PRO C 108 -14.30 -14.52 -11.81
C PRO C 108 -14.93 -13.27 -11.20
N LYS C 109 -16.04 -12.81 -11.77
CA LYS C 109 -16.77 -11.65 -11.27
C LYS C 109 -17.04 -11.68 -9.74
N GLU C 110 -17.56 -12.80 -9.23
CA GLU C 110 -17.88 -12.88 -7.80
C GLU C 110 -16.68 -12.94 -6.86
N LEU C 111 -15.48 -12.97 -7.46
CA LEU C 111 -14.24 -12.95 -6.70
C LEU C 111 -13.35 -11.76 -7.07
N ALA C 112 -13.86 -10.84 -7.88
CA ALA C 112 -13.06 -9.75 -8.40
C ALA C 112 -13.04 -8.58 -7.44
N GLY C 113 -11.90 -7.92 -7.36
CA GLY C 113 -11.81 -6.66 -6.64
C GLY C 113 -11.44 -6.82 -5.18
N GLU C 114 -11.07 -8.03 -4.79
CA GLU C 114 -10.96 -8.39 -3.38
C GLU C 114 -9.52 -8.45 -2.87
N MET C 115 -8.54 -8.38 -3.76
CA MET C 115 -7.13 -8.39 -3.37
C MET C 115 -6.68 -7.04 -2.87
N PRO C 116 -5.52 -6.96 -2.22
CA PRO C 116 -5.07 -5.65 -1.78
C PRO C 116 -4.92 -4.66 -2.95
N PRO C 117 -5.12 -3.37 -2.68
CA PRO C 117 -5.03 -2.37 -3.72
C PRO C 117 -3.66 -2.44 -4.44
N GLY C 118 -3.67 -2.34 -5.76
CA GLY C 118 -2.46 -2.50 -6.58
C GLY C 118 -2.40 -3.88 -7.24
N LEU C 119 -3.21 -4.80 -6.73
CA LEU C 119 -3.11 -6.22 -7.04
C LEU C 119 -4.36 -6.76 -7.71
N ASN C 120 -5.28 -5.86 -8.07
CA ASN C 120 -6.48 -6.29 -8.77
C ASN C 120 -6.32 -6.14 -10.30
N PHE C 121 -5.88 -7.22 -10.95
CA PHE C 121 -5.55 -7.27 -12.40
C PHE C 121 -6.80 -7.47 -13.25
N ASP C 122 -6.96 -6.68 -14.31
CA ASP C 122 -8.34 -6.52 -14.85
C ASP C 122 -8.54 -7.20 -16.18
N ILE D 14 5.56 22.33 -18.23
CA ILE D 14 4.53 21.26 -18.14
C ILE D 14 5.15 19.87 -18.17
N LEU D 15 4.30 18.89 -17.87
CA LEU D 15 4.67 17.52 -17.58
C LEU D 15 5.56 16.81 -18.62
N PRO D 16 5.15 16.81 -19.91
CA PRO D 16 5.98 16.10 -20.89
C PRO D 16 7.39 16.72 -21.08
N ILE D 17 7.53 18.05 -20.95
CA ILE D 17 8.87 18.67 -20.99
C ILE D 17 9.74 18.40 -19.74
N MET D 18 9.13 18.41 -18.54
CA MET D 18 9.80 17.96 -17.31
C MET D 18 10.29 16.51 -17.39
N GLN D 19 9.42 15.64 -17.89
CA GLN D 19 9.75 14.22 -18.12
C GLN D 19 10.89 14.02 -19.16
N SER D 20 10.81 14.68 -20.31
CA SER D 20 11.88 14.55 -21.30
C SER D 20 13.22 15.05 -20.73
N ILE D 21 13.20 16.13 -19.94
CA ILE D 21 14.40 16.58 -19.25
C ILE D 21 14.97 15.55 -18.26
N MET D 22 14.10 14.90 -17.49
CA MET D 22 14.52 13.84 -16.57
C MET D 22 15.07 12.61 -17.28
N GLN D 23 14.39 12.19 -18.34
CA GLN D 23 14.87 11.08 -19.17
C GLN D 23 16.29 11.30 -19.66
N ASN D 24 16.55 12.51 -20.16
CA ASN D 24 17.87 12.90 -20.63
C ASN D 24 18.89 12.94 -19.50
N LEU D 25 18.59 13.73 -18.47
CA LEU D 25 19.49 13.93 -17.35
C LEU D 25 19.85 12.65 -16.59
N LEU D 26 18.92 11.70 -16.53
CA LEU D 26 19.14 10.48 -15.75
C LEU D 26 19.49 9.27 -16.62
N SER D 27 19.82 9.50 -17.89
CA SER D 27 20.21 8.39 -18.73
C SER D 27 21.64 7.95 -18.38
N LYS D 28 21.97 6.70 -18.69
CA LYS D 28 23.27 6.12 -18.37
C LYS D 28 24.42 6.95 -18.94
N ASP D 29 24.28 7.40 -20.20
CA ASP D 29 25.33 8.17 -20.86
C ASP D 29 25.56 9.52 -20.19
N VAL D 30 24.48 10.19 -19.80
CA VAL D 30 24.55 11.51 -19.17
C VAL D 30 24.95 11.50 -17.67
N LEU D 31 24.48 10.50 -16.92
CA LEU D 31 24.69 10.44 -15.45
C LEU D 31 25.76 9.47 -14.93
N TYR D 32 25.79 8.24 -15.46
CA TYR D 32 26.63 7.17 -14.89
C TYR D 32 28.15 7.43 -14.76
N PRO D 33 28.82 8.01 -15.80
CA PRO D 33 30.26 8.17 -15.57
C PRO D 33 30.60 9.02 -14.35
N SER D 34 29.87 10.14 -14.16
CA SER D 34 30.24 11.02 -13.06
C SER D 34 29.65 10.53 -11.74
N LEU D 35 28.59 9.72 -11.82
CA LEU D 35 27.94 9.19 -10.62
C LEU D 35 28.73 8.05 -10.01
N LYS D 36 29.22 7.16 -10.86
CA LYS D 36 30.06 6.04 -10.44
C LYS D 36 31.33 6.55 -9.72
N GLU D 37 31.92 7.62 -10.30
CA GLU D 37 33.17 8.21 -9.79
C GLU D 37 33.04 8.81 -8.40
N ILE D 38 31.94 9.55 -8.15
CA ILE D 38 31.69 10.14 -6.83
C ILE D 38 31.46 9.03 -5.80
N THR D 39 30.59 8.08 -6.16
CA THR D 39 30.25 6.92 -5.32
C THR D 39 31.51 6.21 -4.82
N GLU D 40 32.48 6.05 -5.73
CA GLU D 40 33.77 5.45 -5.45
C GLU D 40 34.54 6.20 -4.36
N LYS D 41 34.31 7.51 -4.27
CA LYS D 41 35.03 8.42 -3.36
C LYS D 41 34.44 8.56 -1.94
N TYR D 42 33.20 8.11 -1.73
CA TYR D 42 32.58 8.12 -0.40
C TYR D 42 33.25 7.23 0.68
N PRO D 43 33.46 5.92 0.40
CA PRO D 43 33.88 4.95 1.44
C PRO D 43 35.08 5.34 2.30
N GLU D 44 36.06 6.01 1.70
CA GLU D 44 37.25 6.45 2.44
C GLU D 44 37.15 7.86 3.00
N TRP D 45 36.22 8.65 2.47
CA TRP D 45 35.87 9.93 3.08
C TRP D 45 35.14 9.65 4.40
N LEU D 46 34.18 8.71 4.33
CA LEU D 46 33.44 8.25 5.50
C LEU D 46 34.36 7.67 6.58
N GLN D 47 35.29 6.81 6.17
CA GLN D 47 36.17 6.10 7.10
C GLN D 47 37.01 7.03 7.99
N SER D 48 37.44 8.16 7.41
CA SER D 48 38.31 9.11 8.11
C SER D 48 37.53 10.22 8.83
N HIS D 49 36.35 10.55 8.31
CA HIS D 49 35.51 11.62 8.87
C HIS D 49 34.46 11.09 9.86
N ARG D 50 34.51 9.79 10.15
CA ARG D 50 33.56 9.12 11.05
C ARG D 50 33.57 9.69 12.47
N GLU D 51 34.77 9.97 12.99
CA GLU D 51 34.94 10.44 14.36
C GLU D 51 34.61 11.91 14.56
N SER D 52 34.88 12.73 13.54
CA SER D 52 34.69 14.18 13.63
C SER D 52 33.22 14.60 13.54
N LEU D 53 32.50 14.07 12.54
CA LEU D 53 31.10 14.41 12.30
C LEU D 53 30.15 13.96 13.41
N PRO D 54 29.05 14.71 13.62
CA PRO D 54 27.94 14.21 14.44
C PRO D 54 27.29 12.99 13.77
N PRO D 55 26.91 11.97 14.56
CA PRO D 55 26.38 10.69 14.05
C PRO D 55 25.20 10.87 13.10
N GLU D 56 24.33 11.82 13.43
CA GLU D 56 23.18 12.21 12.64
C GLU D 56 23.58 12.53 11.19
N GLN D 57 24.56 13.42 11.05
CA GLN D 57 25.09 13.82 9.74
C GLN D 57 25.89 12.70 9.07
N PHE D 58 26.60 11.90 9.86
CA PHE D 58 27.34 10.76 9.33
C PHE D 58 26.43 9.73 8.67
N GLU D 59 25.29 9.45 9.29
CA GLU D 59 24.30 8.54 8.70
C GLU D 59 23.78 9.06 7.35
N LYS D 60 23.44 10.34 7.30
CA LYS D 60 22.96 10.96 6.07
C LYS D 60 23.91 10.72 4.91
N TYR D 61 25.21 10.77 5.22
CA TYR D 61 26.24 10.56 4.22
C TYR D 61 26.42 9.07 3.85
N GLN D 62 26.29 8.18 4.84
CA GLN D 62 26.26 6.74 4.57
C GLN D 62 25.12 6.37 3.63
N GLU D 63 23.92 6.89 3.94
CA GLU D 63 22.71 6.65 3.16
C GLU D 63 22.78 7.20 1.74
N GLN D 64 23.42 8.36 1.57
CA GLN D 64 23.79 8.88 0.24
C GLN D 64 24.60 7.87 -0.58
N HIS D 65 25.57 7.23 0.09
CA HIS D 65 26.40 6.23 -0.55
C HIS D 65 25.62 4.97 -0.96
N SER D 66 24.80 4.45 -0.04
CA SER D 66 23.89 3.33 -0.30
C SER D 66 22.96 3.54 -1.50
N VAL D 67 22.38 4.73 -1.57
CA VAL D 67 21.48 5.13 -2.65
C VAL D 67 22.22 5.23 -3.98
N MET D 68 23.36 5.93 -3.98
CA MET D 68 24.21 6.06 -5.18
C MET D 68 24.69 4.73 -5.71
N CYS D 69 25.04 3.82 -4.79
CA CYS D 69 25.31 2.43 -5.13
C CYS D 69 24.17 1.79 -5.91
N LYS D 70 22.94 1.90 -5.39
CA LYS D 70 21.75 1.28 -5.99
C LYS D 70 21.47 1.79 -7.40
N ILE D 71 21.64 3.09 -7.59
CA ILE D 71 21.59 3.72 -8.93
C ILE D 71 22.64 3.16 -9.89
N CYS D 72 23.89 3.04 -9.42
CA CYS D 72 24.95 2.42 -10.24
C CYS D 72 24.57 1.03 -10.71
N GLU D 73 24.05 0.21 -9.80
CA GLU D 73 23.63 -1.14 -10.11
C GLU D 73 22.50 -1.17 -11.13
N GLN D 74 21.63 -0.17 -11.10
CA GLN D 74 20.57 -0.07 -12.10
C GLN D 74 21.20 0.16 -13.48
N PHE D 75 22.11 1.13 -13.57
CA PHE D 75 22.81 1.39 -14.84
C PHE D 75 23.65 0.19 -15.31
N GLU D 76 24.36 -0.43 -14.38
CA GLU D 76 25.20 -1.60 -14.67
C GLU D 76 24.38 -2.79 -15.15
N ALA D 77 23.11 -2.86 -14.72
CA ALA D 77 22.24 -3.98 -15.07
C ALA D 77 21.64 -3.91 -16.49
N GLU D 78 21.79 -2.76 -17.15
CA GLU D 78 21.27 -2.56 -18.52
C GLU D 78 21.93 -3.49 -19.54
N THR D 79 21.10 -4.03 -20.43
CA THR D 79 21.59 -4.87 -21.54
C THR D 79 20.93 -4.36 -22.83
N PRO D 80 21.63 -4.51 -23.99
CA PRO D 80 21.01 -4.04 -25.22
C PRO D 80 19.77 -4.82 -25.68
N THR D 81 19.39 -5.86 -24.97
CA THR D 81 18.23 -6.66 -25.34
C THR D 81 16.96 -6.29 -24.53
N ASP D 82 17.15 -5.44 -23.52
CA ASP D 82 16.08 -4.95 -22.62
C ASP D 82 14.81 -4.51 -23.35
N SER D 83 13.67 -5.09 -22.98
CA SER D 83 12.39 -4.67 -23.57
C SER D 83 12.10 -3.18 -23.30
N GLU D 84 11.15 -2.60 -24.04
CA GLU D 84 10.79 -1.20 -23.81
C GLU D 84 10.15 -1.02 -22.42
N THR D 85 9.42 -2.02 -21.94
CA THR D 85 8.86 -1.92 -20.58
C THR D 85 9.93 -2.01 -19.48
N THR D 86 10.92 -2.89 -19.65
CA THR D 86 12.09 -2.95 -18.75
C THR D 86 12.89 -1.63 -18.68
N GLN D 87 13.16 -1.04 -19.84
CA GLN D 87 13.80 0.29 -19.91
C GLN D 87 13.01 1.36 -19.15
N LYS D 88 11.70 1.47 -19.44
CA LYS D 88 10.80 2.38 -18.70
C LYS D 88 10.81 2.17 -17.19
N ALA D 89 10.72 0.92 -16.76
CA ALA D 89 10.65 0.61 -15.33
C ALA D 89 11.98 0.92 -14.62
N ARG D 90 13.08 0.76 -15.35
CA ARG D 90 14.40 1.07 -14.83
C ARG D 90 14.59 2.56 -14.67
N PHE D 91 14.13 3.33 -15.67
CA PHE D 91 14.15 4.79 -15.57
C PHE D 91 13.43 5.24 -14.30
N GLU D 92 12.25 4.66 -14.05
CA GLU D 92 11.42 5.00 -12.89
C GLU D 92 12.08 4.62 -11.55
N MET D 93 12.77 3.49 -11.52
CA MET D 93 13.59 3.08 -10.35
C MET D 93 14.64 4.12 -10.04
N VAL D 94 15.36 4.56 -11.09
CA VAL D 94 16.43 5.54 -10.99
C VAL D 94 15.88 6.91 -10.55
N LEU D 95 14.76 7.31 -11.14
CA LEU D 95 14.07 8.53 -10.73
C LEU D 95 13.70 8.49 -9.21
N ASP D 96 13.14 7.38 -8.77
CA ASP D 96 12.87 7.09 -7.37
C ASP D 96 14.06 7.33 -6.47
N LEU D 97 15.15 6.68 -6.83
CA LEU D 97 16.36 6.66 -6.02
C LEU D 97 17.00 8.06 -5.98
N MET D 98 16.92 8.76 -7.11
CA MET D 98 17.40 10.14 -7.23
C MET D 98 16.61 11.10 -6.32
N GLN D 99 15.32 10.85 -6.15
CA GLN D 99 14.50 11.58 -5.19
C GLN D 99 14.94 11.37 -3.73
N GLN D 100 15.24 10.12 -3.35
CA GLN D 100 15.79 9.82 -2.03
C GLN D 100 17.07 10.58 -1.82
N LEU D 101 17.92 10.54 -2.84
CA LEU D 101 19.18 11.22 -2.83
C LEU D 101 19.00 12.74 -2.59
N GLN D 102 18.11 13.39 -3.34
CA GLN D 102 17.86 14.82 -3.08
C GLN D 102 17.40 15.07 -1.63
N ASP D 103 16.47 14.23 -1.15
CA ASP D 103 15.92 14.32 0.21
C ASP D 103 16.94 14.12 1.32
N LEU D 104 18.08 13.51 0.96
CA LEU D 104 19.22 13.39 1.85
C LEU D 104 20.08 14.67 1.94
N GLY D 105 19.78 15.65 1.09
CA GLY D 105 20.44 16.96 1.13
C GLY D 105 21.83 17.00 0.54
N HIS D 106 22.56 18.06 0.85
CA HIS D 106 23.89 18.28 0.28
C HIS D 106 24.91 17.19 0.63
N PRO D 107 25.78 16.82 -0.32
CA PRO D 107 26.83 15.86 -0.01
C PRO D 107 27.92 16.50 0.86
N PRO D 108 28.95 15.71 1.26
CA PRO D 108 30.12 16.33 1.89
C PRO D 108 30.66 17.47 1.04
N LYS D 109 31.06 18.58 1.68
CA LYS D 109 31.62 19.74 0.99
C LYS D 109 32.74 19.38 0.02
N GLU D 110 33.62 18.46 0.43
CA GLU D 110 34.75 18.02 -0.39
C GLU D 110 34.33 17.36 -1.69
N LEU D 111 33.24 16.58 -1.64
CA LEU D 111 32.84 15.74 -2.77
C LEU D 111 31.69 16.35 -3.57
N ALA D 112 31.26 17.54 -3.19
CA ALA D 112 30.07 18.17 -3.79
C ALA D 112 30.36 18.92 -5.10
N GLY D 113 29.38 18.92 -6.00
CA GLY D 113 29.45 19.71 -7.25
C GLY D 113 30.03 19.03 -8.49
N GLU D 114 30.04 17.68 -8.47
CA GLU D 114 30.65 16.88 -9.55
C GLU D 114 29.61 16.17 -10.41
N MET D 115 28.34 16.30 -10.01
CA MET D 115 27.19 15.75 -10.71
C MET D 115 26.87 16.58 -11.96
N PRO D 116 26.20 15.97 -12.97
CA PRO D 116 25.72 16.73 -14.12
C PRO D 116 24.91 17.95 -13.68
N PRO D 117 24.95 19.06 -14.45
CA PRO D 117 24.22 20.27 -14.04
C PRO D 117 22.73 20.00 -13.81
N GLY D 118 22.22 20.49 -12.68
CA GLY D 118 20.84 20.21 -12.27
C GLY D 118 20.76 19.20 -11.14
N LEU D 119 21.80 18.37 -11.00
CA LEU D 119 21.80 17.29 -10.00
C LEU D 119 22.71 17.60 -8.80
N ASN D 120 23.05 18.87 -8.64
CA ASN D 120 23.87 19.29 -7.51
C ASN D 120 22.98 19.87 -6.41
N PHE D 121 22.64 19.01 -5.45
CA PHE D 121 21.67 19.34 -4.40
C PHE D 121 22.33 20.08 -3.23
N ASP D 122 21.54 20.87 -2.50
CA ASP D 122 21.90 21.27 -1.13
C ASP D 122 20.76 21.21 -0.10
#